data_3RWJ
#
_entry.id   3RWJ
#
_cell.length_a   67.960
_cell.length_b   44.600
_cell.length_c   80.630
_cell.angle_alpha   90.00
_cell.angle_beta   96.94
_cell.angle_gamma   90.00
#
_symmetry.space_group_name_H-M   'P 1 2 1'
#
loop_
_entity.id
_entity.type
_entity.pdbx_description
1 polymer 'Major histocompatibility complex class I'
2 polymer Beta-2-microglobulin
3 polymer 'Vif HW8 peptide from Virion infectivity factor'
4 water water
#
loop_
_entity_poly.entity_id
_entity_poly.type
_entity_poly.pdbx_seq_one_letter_code
_entity_poly.pdbx_strand_id
1 'polypeptide(L)'
;GSHSMKYFYTSVSRPGRGEPRFISVGYVDDTQFVRFDSDAESPREEPRAPWVEQEGPEYWEEATRRAKEAAQTHRENLRT
ALRYYNQSEAGSHTIQKMYGCDLGPDGRLLRGYHQSAYDGKDYIALNGDLRSWTAADMAAQNTQRKWEGNRYAERFRAYL
EGECLEWLRRYLENGKETLQRADPPKTHVTHHPVSDHEATLRCWALGFYPAEITLTWQRDGEEQTQDTEFVETRPGGDGT
FQKWGAVVVPSGEEQRYTCHVQHEGLPEPLTLRWEP
;
A
2 'polypeptide(L)'
;MIQRTPKIQVYSRHPAENGKSNFLNCYVSGFHPSDIEVDLLKNGERIEKVEHSDLSFSKDWSFYLLYYTEFTPTEKDEYA
CRVNHVTLSQPKIVKWDRDM
;
B
3 'polypeptide(L)' HLEVQGYW C
#
# COMPACT_ATOMS: atom_id res chain seq x y z
N GLY A 1 -20.71 9.68 3.84
CA GLY A 1 -19.27 9.71 3.72
C GLY A 1 -18.78 9.34 2.34
N SER A 2 -17.62 9.88 1.96
CA SER A 2 -17.05 9.59 0.66
C SER A 2 -16.18 8.33 0.71
N HIS A 3 -16.41 7.42 -0.23
CA HIS A 3 -15.64 6.18 -0.30
C HIS A 3 -14.95 6.03 -1.64
N SER A 4 -14.27 4.90 -1.85
CA SER A 4 -13.49 4.69 -3.06
C SER A 4 -13.21 3.22 -3.33
N MET A 5 -13.13 2.87 -4.61
CA MET A 5 -12.70 1.54 -5.02
C MET A 5 -11.60 1.67 -6.06
N LYS A 6 -10.54 0.89 -5.91
CA LYS A 6 -9.40 0.97 -6.82
C LYS A 6 -8.80 -0.38 -7.14
N TYR A 7 -8.29 -0.52 -8.36
CA TYR A 7 -7.60 -1.72 -8.80
C TYR A 7 -6.14 -1.40 -9.14
N PHE A 8 -5.25 -2.26 -8.66
CA PHE A 8 -3.82 -2.10 -8.89
C PHE A 8 -3.27 -3.31 -9.67
N TYR A 9 -2.76 -3.04 -10.86
CA TYR A 9 -2.17 -4.07 -11.71
C TYR A 9 -0.66 -3.93 -11.76
N THR A 10 0.04 -5.05 -11.66
CA THR A 10 1.49 -5.06 -11.76
C THR A 10 1.95 -6.21 -12.66
N SER A 11 2.49 -5.85 -13.82
CA SER A 11 2.99 -6.84 -14.76
C SER A 11 4.50 -6.76 -14.89
N VAL A 12 5.17 -7.87 -14.62
CA VAL A 12 6.64 -7.91 -14.69
C VAL A 12 7.10 -8.95 -15.71
N SER A 13 7.81 -8.48 -16.74
CA SER A 13 8.36 -9.38 -17.74
C SER A 13 9.61 -10.07 -17.21
N ARG A 14 9.79 -11.34 -17.57
CA ARG A 14 10.93 -12.12 -17.11
C ARG A 14 11.46 -13.01 -18.21
N PRO A 15 12.21 -12.42 -19.15
CA PRO A 15 12.77 -13.13 -20.32
C PRO A 15 13.52 -14.38 -19.93
N GLY A 16 13.13 -15.51 -20.52
CA GLY A 16 13.79 -16.78 -20.25
C GLY A 16 13.08 -17.61 -19.20
N ARG A 17 12.14 -16.98 -18.49
CA ARG A 17 11.41 -17.66 -17.43
C ARG A 17 9.91 -17.70 -17.69
N GLY A 18 9.52 -17.47 -18.94
CA GLY A 18 8.12 -17.58 -19.34
C GLY A 18 7.39 -16.25 -19.46
N GLU A 19 6.06 -16.34 -19.51
CA GLU A 19 5.23 -15.14 -19.65
CA GLU A 19 5.21 -15.16 -19.64
C GLU A 19 5.40 -14.20 -18.47
N PRO A 20 5.09 -12.90 -18.69
CA PRO A 20 5.16 -11.88 -17.64
C PRO A 20 4.19 -12.18 -16.51
N ARG A 21 4.63 -11.99 -15.27
CA ARG A 21 3.77 -12.22 -14.11
C ARG A 21 2.82 -11.06 -13.90
N PHE A 22 1.53 -11.38 -13.73
CA PHE A 22 0.52 -10.36 -13.54
C PHE A 22 -0.11 -10.47 -12.16
N ILE A 23 -0.12 -9.36 -11.43
CA ILE A 23 -0.68 -9.33 -10.08
C ILE A 23 -1.69 -8.19 -9.93
N SER A 24 -2.94 -8.54 -9.67
CA SER A 24 -4.01 -7.56 -9.51
C SER A 24 -4.54 -7.57 -8.09
N VAL A 25 -4.72 -6.38 -7.51
CA VAL A 25 -5.30 -6.26 -6.18
C VAL A 25 -6.42 -5.23 -6.13
N GLY A 26 -7.51 -5.59 -5.47
CA GLY A 26 -8.68 -4.72 -5.36
C GLY A 26 -8.86 -4.14 -3.98
N TYR A 27 -9.18 -2.86 -3.92
CA TYR A 27 -9.31 -2.15 -2.66
C TYR A 27 -10.60 -1.35 -2.55
N VAL A 28 -11.24 -1.44 -1.39
CA VAL A 28 -12.32 -0.53 -1.03
C VAL A 28 -11.80 0.34 0.11
N ASP A 29 -11.57 1.61 -0.18
CA ASP A 29 -10.90 2.51 0.76
C ASP A 29 -9.49 1.99 1.04
N ASP A 30 -9.28 1.50 2.25
CA ASP A 30 -7.99 0.94 2.64
C ASP A 30 -8.13 -0.55 2.99
N THR A 31 -9.17 -1.18 2.45
CA THR A 31 -9.41 -2.58 2.72
C THR A 31 -9.39 -3.42 1.44
N GLN A 32 -8.36 -4.23 1.28
CA GLN A 32 -8.26 -5.13 0.14
C GLN A 32 -9.36 -6.18 0.21
N PHE A 33 -9.96 -6.49 -0.93
CA PHE A 33 -11.05 -7.47 -0.95
C PHE A 33 -10.85 -8.58 -1.98
N VAL A 34 -9.92 -8.38 -2.91
CA VAL A 34 -9.63 -9.38 -3.93
C VAL A 34 -8.15 -9.39 -4.34
N ARG A 35 -7.72 -10.51 -4.90
CA ARG A 35 -6.36 -10.65 -5.39
C ARG A 35 -6.29 -11.65 -6.54
N PHE A 36 -5.38 -11.42 -7.49
CA PHE A 36 -5.18 -12.33 -8.60
C PHE A 36 -3.70 -12.42 -8.97
N ASP A 37 -3.13 -13.62 -8.78
CA ASP A 37 -1.74 -13.86 -9.11
C ASP A 37 -1.61 -14.89 -10.21
N SER A 38 -0.99 -14.52 -11.32
CA SER A 38 -0.82 -15.41 -12.46
C SER A 38 0.08 -16.59 -12.13
N ASP A 39 0.82 -16.47 -11.03
CA ASP A 39 1.72 -17.53 -10.59
C ASP A 39 1.05 -18.46 -9.59
N ALA A 40 -0.23 -18.21 -9.33
CA ALA A 40 -1.00 -19.02 -8.39
C ALA A 40 -1.36 -20.37 -9.00
N GLU A 41 -1.10 -21.44 -8.25
CA GLU A 41 -1.41 -22.79 -8.72
C GLU A 41 -2.69 -22.82 -9.54
N SER A 42 -3.64 -21.97 -9.16
CA SER A 42 -4.92 -21.89 -9.87
C SER A 42 -5.34 -20.44 -10.10
N PRO A 43 -4.69 -19.81 -11.08
CA PRO A 43 -5.00 -18.41 -11.42
C PRO A 43 -6.50 -18.15 -11.44
N ARG A 44 -7.02 -17.60 -10.35
CA ARG A 44 -8.44 -17.29 -10.25
C ARG A 44 -8.71 -16.23 -9.19
N GLU A 45 -9.57 -15.26 -9.54
CA GLU A 45 -9.91 -14.19 -8.62
C GLU A 45 -10.21 -14.72 -7.22
N GLU A 46 -9.36 -14.38 -6.27
CA GLU A 46 -9.52 -14.82 -4.89
C GLU A 46 -10.00 -13.69 -3.99
N PRO A 47 -10.85 -14.02 -3.02
CA PRO A 47 -11.37 -13.02 -2.09
C PRO A 47 -10.47 -12.84 -0.87
N ARG A 48 -10.32 -11.60 -0.41
CA ARG A 48 -9.48 -11.30 0.74
C ARG A 48 -10.31 -10.60 1.82
N ALA A 49 -11.62 -10.68 1.69
CA ALA A 49 -12.54 -10.07 2.65
C ALA A 49 -13.81 -10.90 2.76
N PRO A 50 -14.38 -10.97 3.97
CA PRO A 50 -15.57 -11.79 4.23
C PRO A 50 -16.81 -11.28 3.50
N TRP A 51 -16.88 -9.98 3.26
CA TRP A 51 -18.04 -9.39 2.60
C TRP A 51 -17.98 -9.49 1.08
N VAL A 52 -17.08 -10.35 0.59
CA VAL A 52 -16.96 -10.61 -0.85
C VAL A 52 -16.98 -12.11 -1.11
N GLU A 53 -16.54 -12.88 -0.12
CA GLU A 53 -16.43 -14.32 -0.25
C GLU A 53 -17.78 -14.99 -0.48
N GLN A 54 -18.85 -14.25 -0.19
N GLN A 54 -18.87 -14.28 -0.19
CA GLN A 54 -20.21 -14.77 -0.30
CA GLN A 54 -20.18 -14.87 -0.34
C GLN A 54 -20.76 -14.68 -1.72
C GLN A 54 -20.83 -14.51 -1.68
N GLU A 55 -20.01 -14.06 -2.61
CA GLU A 55 -20.45 -13.84 -3.98
C GLU A 55 -20.50 -15.16 -4.74
N GLY A 56 -21.41 -15.25 -5.71
CA GLY A 56 -21.60 -16.47 -6.47
C GLY A 56 -20.46 -16.74 -7.45
N PRO A 57 -20.48 -17.92 -8.08
CA PRO A 57 -19.47 -18.35 -9.04
C PRO A 57 -19.31 -17.36 -10.20
N GLU A 58 -20.39 -16.63 -10.51
CA GLU A 58 -20.36 -15.66 -11.60
C GLU A 58 -19.32 -14.58 -11.37
N TYR A 59 -19.29 -14.06 -10.14
CA TYR A 59 -18.38 -13.00 -9.78
C TYR A 59 -16.92 -13.45 -9.95
N TRP A 60 -16.64 -14.69 -9.58
CA TRP A 60 -15.27 -15.20 -9.59
C TRP A 60 -14.81 -15.62 -10.98
N GLU A 61 -15.71 -16.23 -11.75
CA GLU A 61 -15.40 -16.64 -13.11
C GLU A 61 -15.24 -15.43 -14.02
N GLU A 62 -16.19 -14.51 -13.91
CA GLU A 62 -16.15 -13.27 -14.68
C GLU A 62 -14.94 -12.43 -14.27
N ALA A 63 -14.72 -12.30 -12.97
CA ALA A 63 -13.58 -11.56 -12.45
C ALA A 63 -12.27 -12.16 -12.95
N THR A 64 -12.20 -13.49 -12.97
CA THR A 64 -11.02 -14.19 -13.45
C THR A 64 -10.79 -13.93 -14.93
N ARG A 65 -11.85 -14.03 -15.72
CA ARG A 65 -11.76 -13.80 -17.15
C ARG A 65 -11.27 -12.39 -17.44
N ARG A 66 -11.89 -11.40 -16.80
CA ARG A 66 -11.47 -10.01 -16.93
C ARG A 66 -10.01 -9.82 -16.53
N ALA A 67 -9.62 -10.47 -15.43
CA ALA A 67 -8.25 -10.38 -14.93
C ALA A 67 -7.25 -10.90 -15.96
N LYS A 68 -7.59 -12.03 -16.56
CA LYS A 68 -6.72 -12.63 -17.59
C LYS A 68 -6.63 -11.73 -18.81
N GLU A 69 -7.77 -11.19 -19.25
CA GLU A 69 -7.78 -10.24 -20.34
C GLU A 69 -6.85 -9.06 -20.04
N ALA A 70 -6.93 -8.56 -18.80
CA ALA A 70 -6.09 -7.47 -18.36
C ALA A 70 -4.61 -7.84 -18.45
N ALA A 71 -4.28 -9.04 -17.97
CA ALA A 71 -2.92 -9.54 -18.03
C ALA A 71 -2.40 -9.55 -19.46
N GLN A 72 -3.15 -10.18 -20.35
CA GLN A 72 -2.79 -10.25 -21.76
C GLN A 72 -2.57 -8.85 -22.33
N THR A 73 -3.48 -7.93 -22.00
CA THR A 73 -3.37 -6.56 -22.44
C THR A 73 -2.05 -5.95 -21.97
N HIS A 74 -1.66 -6.30 -20.75
CA HIS A 74 -0.40 -5.79 -20.19
C HIS A 74 0.81 -6.41 -20.85
N ARG A 75 0.66 -7.63 -21.36
CA ARG A 75 1.73 -8.27 -22.11
C ARG A 75 1.93 -7.52 -23.43
N GLU A 76 0.83 -7.36 -24.16
CA GLU A 76 0.87 -6.63 -25.43
C GLU A 76 1.42 -5.22 -25.22
N ASN A 77 1.07 -4.60 -24.10
CA ASN A 77 1.57 -3.28 -23.76
C ASN A 77 3.05 -3.30 -23.43
N LEU A 78 3.51 -4.40 -22.85
CA LEU A 78 4.93 -4.58 -22.57
C LEU A 78 5.73 -4.64 -23.86
N ARG A 79 5.25 -5.44 -24.80
CA ARG A 79 5.90 -5.55 -26.10
C ARG A 79 5.89 -4.23 -26.86
N THR A 80 4.71 -3.61 -26.90
CA THR A 80 4.55 -2.30 -27.52
C THR A 80 5.55 -1.31 -26.92
N ALA A 81 5.72 -1.38 -25.61
CA ALA A 81 6.67 -0.53 -24.91
C ALA A 81 8.08 -0.86 -25.37
N LEU A 82 8.36 -2.13 -25.60
CA LEU A 82 9.65 -2.55 -26.12
C LEU A 82 9.92 -1.89 -27.47
N ARG A 83 8.86 -1.70 -28.26
CA ARG A 83 9.01 -0.98 -29.53
C ARG A 83 9.26 0.51 -29.31
N TYR A 84 8.38 1.14 -28.53
CA TYR A 84 8.47 2.57 -28.29
C TYR A 84 9.85 3.02 -27.82
N TYR A 85 10.34 2.38 -26.75
CA TYR A 85 11.61 2.78 -26.15
C TYR A 85 12.81 2.09 -26.80
N ASN A 86 12.56 1.37 -27.89
CA ASN A 86 13.63 0.66 -28.58
C ASN A 86 14.41 -0.23 -27.62
N GLN A 87 13.72 -1.22 -27.06
CA GLN A 87 14.31 -2.08 -26.05
C GLN A 87 14.30 -3.56 -26.44
N SER A 88 15.14 -4.34 -25.78
CA SER A 88 15.32 -5.75 -26.10
C SER A 88 14.27 -6.64 -25.42
N GLU A 89 14.12 -7.85 -25.93
CA GLU A 89 13.18 -8.81 -25.36
C GLU A 89 13.84 -9.60 -24.24
N ALA A 90 15.15 -9.44 -24.09
CA ALA A 90 15.91 -10.15 -23.08
C ALA A 90 15.94 -9.41 -21.76
N GLY A 91 15.51 -8.15 -21.78
CA GLY A 91 15.50 -7.33 -20.59
C GLY A 91 14.17 -7.37 -19.85
N SER A 92 14.24 -7.22 -18.53
CA SER A 92 13.04 -7.23 -17.70
C SER A 92 12.44 -5.83 -17.58
N HIS A 93 11.12 -5.76 -17.51
CA HIS A 93 10.43 -4.48 -17.41
C HIS A 93 9.16 -4.59 -16.57
N THR A 94 8.67 -3.45 -16.11
CA THR A 94 7.50 -3.43 -15.22
C THR A 94 6.45 -2.43 -15.70
N ILE A 95 5.19 -2.84 -15.59
CA ILE A 95 4.07 -1.95 -15.90
C ILE A 95 3.09 -1.93 -14.73
N GLN A 96 2.79 -0.74 -14.23
CA GLN A 96 1.87 -0.59 -13.11
C GLN A 96 0.65 0.23 -13.53
N LYS A 97 -0.54 -0.20 -13.12
CA LYS A 97 -1.76 0.49 -13.51
C LYS A 97 -2.79 0.56 -12.40
N MET A 98 -3.04 1.77 -11.92
CA MET A 98 -4.06 1.99 -10.89
C MET A 98 -5.28 2.66 -11.51
N TYR A 99 -6.47 2.13 -11.21
CA TYR A 99 -7.69 2.73 -11.72
C TYR A 99 -8.88 2.46 -10.80
N GLY A 100 -9.62 3.52 -10.46
CA GLY A 100 -10.77 3.38 -9.59
C GLY A 100 -11.74 4.54 -9.65
N CYS A 101 -12.71 4.53 -8.74
CA CYS A 101 -13.71 5.59 -8.67
C CYS A 101 -14.01 5.96 -7.22
N ASP A 102 -14.42 7.21 -7.02
CA ASP A 102 -14.78 7.70 -5.69
C ASP A 102 -16.27 8.01 -5.60
N LEU A 103 -16.93 7.43 -4.59
CA LEU A 103 -18.34 7.66 -4.37
C LEU A 103 -18.56 8.78 -3.35
N GLY A 104 -19.16 9.88 -3.80
CA GLY A 104 -19.45 10.99 -2.92
C GLY A 104 -20.47 10.61 -1.86
N PRO A 105 -20.67 11.50 -0.88
CA PRO A 105 -21.63 11.24 0.21
C PRO A 105 -23.06 11.16 -0.31
N ASP A 106 -23.29 11.71 -1.50
CA ASP A 106 -24.61 11.66 -2.11
C ASP A 106 -24.85 10.37 -2.88
N GLY A 107 -23.95 10.06 -3.81
CA GLY A 107 -24.07 8.86 -4.62
C GLY A 107 -23.61 9.10 -6.05
N ARG A 108 -23.01 10.25 -6.29
CA ARG A 108 -22.55 10.62 -7.62
C ARG A 108 -21.05 10.40 -7.76
N LEU A 109 -20.59 10.26 -9.00
CA LEU A 109 -19.17 10.05 -9.27
C LEU A 109 -18.38 11.30 -8.94
N LEU A 110 -17.66 11.27 -7.82
CA LEU A 110 -16.87 12.42 -7.39
C LEU A 110 -15.57 12.51 -8.20
N ARG A 111 -14.69 11.54 -8.02
CA ARG A 111 -13.41 11.52 -8.71
C ARG A 111 -13.21 10.23 -9.49
N GLY A 112 -12.27 10.25 -10.43
CA GLY A 112 -11.96 9.08 -11.23
C GLY A 112 -10.46 8.90 -11.38
N TYR A 113 -10.03 7.64 -11.44
CA TYR A 113 -8.61 7.35 -11.54
C TYR A 113 -8.29 6.31 -12.63
N HIS A 114 -7.32 6.65 -13.48
CA HIS A 114 -6.81 5.72 -14.48
C HIS A 114 -5.41 6.17 -14.90
N GLN A 115 -4.41 5.65 -14.21
CA GLN A 115 -3.03 6.04 -14.49
C GLN A 115 -2.09 4.84 -14.51
N SER A 116 -1.03 4.94 -15.30
CA SER A 116 -0.10 3.84 -15.47
C SER A 116 1.34 4.33 -15.62
N ALA A 117 2.26 3.60 -15.01
CA ALA A 117 3.69 3.90 -15.09
C ALA A 117 4.46 2.72 -15.67
N TYR A 118 5.58 3.02 -16.31
CA TYR A 118 6.41 2.01 -16.94
C TYR A 118 7.84 2.06 -16.40
N ASP A 119 8.28 0.95 -15.82
CA ASP A 119 9.62 0.86 -15.23
C ASP A 119 9.79 1.84 -14.08
N GLY A 120 8.73 2.06 -13.32
CA GLY A 120 8.79 2.89 -12.12
C GLY A 120 8.42 4.34 -12.35
N LYS A 121 8.52 4.81 -13.58
CA LYS A 121 8.23 6.21 -13.90
C LYS A 121 6.90 6.38 -14.62
N ASP A 122 6.23 7.50 -14.35
CA ASP A 122 4.93 7.79 -14.95
C ASP A 122 4.91 7.54 -16.45
N TYR A 123 3.81 6.98 -16.94
CA TYR A 123 3.64 6.78 -18.38
C TYR A 123 2.49 7.63 -18.90
N ILE A 124 1.27 7.35 -18.41
CA ILE A 124 0.12 8.13 -18.85
C ILE A 124 -0.99 8.15 -17.79
N ALA A 125 -1.62 9.30 -17.61
CA ALA A 125 -2.64 9.45 -16.58
C ALA A 125 -3.88 10.20 -17.06
N LEU A 126 -5.05 9.76 -16.60
CA LEU A 126 -6.31 10.43 -16.91
C LEU A 126 -6.48 11.65 -16.01
N ASN A 127 -6.63 12.82 -16.61
CA ASN A 127 -6.78 14.06 -15.86
C ASN A 127 -8.06 14.11 -15.04
N GLY A 128 -8.14 15.07 -14.13
CA GLY A 128 -9.29 15.21 -13.25
C GLY A 128 -10.60 15.38 -13.99
N ASP A 129 -10.53 15.95 -15.18
CA ASP A 129 -11.72 16.15 -16.00
C ASP A 129 -12.24 14.84 -16.58
N LEU A 130 -11.42 13.80 -16.49
CA LEU A 130 -11.79 12.47 -16.97
C LEU A 130 -12.11 12.49 -18.47
N ARG A 131 -11.44 13.38 -19.20
CA ARG A 131 -11.69 13.53 -20.63
C ARG A 131 -10.41 13.81 -21.40
N SER A 132 -9.36 14.20 -20.68
CA SER A 132 -8.06 14.47 -21.29
C SER A 132 -6.98 13.61 -20.65
N TRP A 133 -5.87 13.44 -21.38
CA TRP A 133 -4.78 12.59 -20.90
C TRP A 133 -3.49 13.36 -20.70
N THR A 134 -2.60 12.81 -19.88
CA THR A 134 -1.28 13.37 -19.67
C THR A 134 -0.22 12.31 -19.91
N ALA A 135 0.64 12.55 -20.90
CA ALA A 135 1.72 11.65 -21.25
C ALA A 135 3.05 12.20 -20.73
N ALA A 136 3.83 11.33 -20.08
CA ALA A 136 5.07 11.75 -19.43
C ALA A 136 6.22 11.92 -20.41
N ASP A 137 6.14 11.27 -21.57
CA ASP A 137 7.22 11.34 -22.54
C ASP A 137 6.76 11.13 -23.98
N MET A 138 7.73 11.07 -24.90
CA MET A 138 7.45 10.94 -26.33
C MET A 138 6.70 9.65 -26.61
N ALA A 139 7.11 8.57 -25.95
CA ALA A 139 6.51 7.26 -26.17
C ALA A 139 5.04 7.24 -25.76
N ALA A 140 4.76 7.81 -24.60
CA ALA A 140 3.39 7.84 -24.07
C ALA A 140 2.47 8.68 -24.94
N GLN A 141 3.04 9.54 -25.77
CA GLN A 141 2.26 10.38 -26.66
C GLN A 141 1.55 9.55 -27.74
N ASN A 142 2.24 8.50 -28.21
CA ASN A 142 1.64 7.56 -29.14
C ASN A 142 0.38 6.97 -28.56
N THR A 143 0.48 6.50 -27.32
CA THR A 143 -0.65 5.94 -26.60
C THR A 143 -1.74 6.99 -26.43
N GLN A 144 -1.34 8.22 -26.15
CA GLN A 144 -2.29 9.31 -25.98
C GLN A 144 -3.13 9.51 -27.23
N ARG A 145 -2.45 9.65 -28.37
CA ARG A 145 -3.14 9.82 -29.64
C ARG A 145 -4.02 8.62 -29.95
N LYS A 146 -3.52 7.42 -29.64
CA LYS A 146 -4.31 6.21 -29.79
C LYS A 146 -5.65 6.32 -29.05
N TRP A 147 -5.56 6.67 -27.77
CA TRP A 147 -6.75 6.75 -26.93
C TRP A 147 -7.62 7.96 -27.26
N GLU A 148 -7.06 8.91 -28.00
CA GLU A 148 -7.82 10.06 -28.47
C GLU A 148 -8.53 9.70 -29.77
N GLY A 149 -8.05 8.65 -30.43
CA GLY A 149 -8.63 8.20 -31.68
C GLY A 149 -9.72 7.17 -31.51
N ASN A 150 -9.64 6.40 -30.43
CA ASN A 150 -10.61 5.34 -30.18
C ASN A 150 -11.60 5.68 -29.05
N ARG A 151 -11.57 6.93 -28.61
CA ARG A 151 -12.49 7.41 -27.60
C ARG A 151 -12.42 6.58 -26.32
N TYR A 152 -11.21 6.27 -25.88
CA TYR A 152 -11.01 5.43 -24.70
C TYR A 152 -11.50 6.09 -23.41
N ALA A 153 -11.21 7.38 -23.27
CA ALA A 153 -11.60 8.13 -22.07
C ALA A 153 -13.10 8.11 -21.87
N GLU A 154 -13.86 8.23 -22.96
CA GLU A 154 -15.32 8.23 -22.89
C GLU A 154 -15.84 6.90 -22.36
N ARG A 155 -15.35 5.81 -22.95
CA ARG A 155 -15.75 4.47 -22.53
C ARG A 155 -15.39 4.23 -21.07
N PHE A 156 -14.18 4.65 -20.68
CA PHE A 156 -13.75 4.50 -19.29
C PHE A 156 -14.67 5.28 -18.36
N ARG A 157 -15.10 6.47 -18.79
CA ARG A 157 -16.06 7.25 -18.04
C ARG A 157 -17.35 6.47 -17.89
N ALA A 158 -17.77 5.82 -18.97
CA ALA A 158 -18.96 4.98 -18.94
C ALA A 158 -18.80 3.88 -17.89
N TYR A 159 -17.57 3.40 -17.73
CA TYR A 159 -17.27 2.40 -16.71
C TYR A 159 -17.39 2.97 -15.30
N LEU A 160 -16.79 4.14 -15.09
CA LEU A 160 -16.81 4.79 -13.79
C LEU A 160 -18.23 5.07 -13.32
N GLU A 161 -19.02 5.71 -14.17
CA GLU A 161 -20.39 6.06 -13.84
C GLU A 161 -21.30 4.83 -13.83
N GLY A 162 -20.76 3.70 -14.26
CA GLY A 162 -21.54 2.48 -14.36
C GLY A 162 -21.14 1.41 -13.38
N GLU A 163 -20.56 0.32 -13.89
CA GLU A 163 -20.20 -0.84 -13.08
C GLU A 163 -19.40 -0.49 -11.83
N CYS A 164 -18.42 0.39 -11.97
CA CYS A 164 -17.55 0.76 -10.86
C CYS A 164 -18.35 1.28 -9.67
N LEU A 165 -19.18 2.29 -9.92
CA LEU A 165 -19.98 2.91 -8.88
C LEU A 165 -20.94 1.92 -8.24
N GLU A 166 -21.69 1.22 -9.08
CA GLU A 166 -22.69 0.26 -8.61
C GLU A 166 -22.08 -0.83 -7.73
N TRP A 167 -20.95 -1.38 -8.18
CA TRP A 167 -20.26 -2.41 -7.42
C TRP A 167 -19.67 -1.86 -6.13
N LEU A 168 -19.19 -0.62 -6.17
CA LEU A 168 -18.68 0.03 -4.98
C LEU A 168 -19.79 0.12 -3.94
N ARG A 169 -20.97 0.57 -4.36
CA ARG A 169 -22.12 0.66 -3.47
C ARG A 169 -22.52 -0.72 -2.94
N ARG A 170 -22.50 -1.71 -3.83
CA ARG A 170 -22.79 -3.09 -3.44
C ARG A 170 -21.86 -3.54 -2.32
N TYR A 171 -20.57 -3.23 -2.47
CA TYR A 171 -19.59 -3.60 -1.46
C TYR A 171 -19.84 -2.87 -0.15
N LEU A 172 -20.11 -1.58 -0.23
CA LEU A 172 -20.37 -0.77 0.96
C LEU A 172 -21.60 -1.26 1.70
N GLU A 173 -22.56 -1.81 0.97
CA GLU A 173 -23.80 -2.29 1.57
C GLU A 173 -23.66 -3.71 2.11
N ASN A 174 -22.79 -4.50 1.47
CA ASN A 174 -22.57 -5.88 1.88
C ASN A 174 -21.64 -6.01 3.07
N GLY A 175 -20.92 -4.93 3.38
CA GLY A 175 -19.99 -4.92 4.50
C GLY A 175 -19.88 -3.57 5.14
N LYS A 176 -21.01 -3.05 5.62
CA LYS A 176 -21.06 -1.72 6.23
C LYS A 176 -20.33 -1.68 7.57
N GLU A 177 -20.33 -2.80 8.27
CA GLU A 177 -19.74 -2.86 9.61
C GLU A 177 -18.22 -2.70 9.59
N THR A 178 -17.58 -3.15 8.51
CA THR A 178 -16.12 -3.07 8.41
C THR A 178 -15.65 -1.95 7.49
N LEU A 179 -16.49 -1.56 6.54
CA LEU A 179 -16.11 -0.56 5.55
C LEU A 179 -16.54 0.86 5.93
N GLN A 180 -17.65 0.97 6.63
CA GLN A 180 -18.21 2.28 6.97
C GLN A 180 -17.92 2.69 8.42
N ARG A 181 -17.38 1.77 9.21
CA ARG A 181 -17.06 2.06 10.60
C ARG A 181 -15.61 2.49 10.76
N ALA A 182 -15.42 3.78 11.05
CA ALA A 182 -14.08 4.31 11.26
C ALA A 182 -13.68 4.21 12.73
N ASP A 183 -12.63 3.44 13.00
CA ASP A 183 -12.18 3.22 14.38
C ASP A 183 -11.08 4.20 14.77
N PRO A 184 -11.22 4.82 15.95
CA PRO A 184 -10.24 5.77 16.48
C PRO A 184 -8.95 5.08 16.91
N PRO A 185 -7.83 5.81 16.85
CA PRO A 185 -6.50 5.26 17.18
C PRO A 185 -6.22 5.25 18.69
N LYS A 186 -5.68 4.14 19.18
CA LYS A 186 -5.17 4.09 20.55
C LYS A 186 -3.82 4.80 20.58
N THR A 187 -3.79 5.97 21.24
CA THR A 187 -2.59 6.79 21.26
C THR A 187 -1.93 6.81 22.64
N HIS A 188 -0.63 6.97 22.66
CA HIS A 188 0.11 7.06 23.93
C HIS A 188 1.54 7.56 23.70
N VAL A 189 2.13 8.17 24.73
CA VAL A 189 3.45 8.75 24.61
C VAL A 189 4.52 7.96 25.37
N THR A 190 5.63 7.68 24.71
CA THR A 190 6.73 6.95 25.33
C THR A 190 8.00 7.80 25.41
N HIS A 191 8.86 7.46 26.37
CA HIS A 191 10.08 8.21 26.62
C HIS A 191 11.30 7.30 26.56
N HIS A 192 12.23 7.61 25.67
CA HIS A 192 13.41 6.78 25.47
C HIS A 192 14.69 7.61 25.52
N PRO A 193 15.40 7.57 26.66
CA PRO A 193 16.66 8.31 26.82
C PRO A 193 17.68 7.94 25.74
N VAL A 194 18.17 8.95 25.03
CA VAL A 194 19.19 8.74 24.01
C VAL A 194 20.54 9.22 24.53
N SER A 195 20.52 9.85 25.70
CA SER A 195 21.73 10.37 26.33
C SER A 195 21.41 10.86 27.74
N ASP A 196 22.44 11.29 28.47
CA ASP A 196 22.24 11.83 29.81
C ASP A 196 21.82 13.30 29.73
N HIS A 197 21.59 13.79 28.52
CA HIS A 197 21.22 15.18 28.32
C HIS A 197 20.07 15.30 27.32
N GLU A 198 19.81 14.23 26.59
CA GLU A 198 18.76 14.23 25.57
C GLU A 198 17.86 13.00 25.72
N ALA A 199 16.62 13.12 25.25
CA ALA A 199 15.66 12.03 25.32
C ALA A 199 14.76 12.03 24.08
N THR A 200 14.10 10.90 23.85
CA THR A 200 13.23 10.77 22.67
C THR A 200 11.77 10.57 23.07
N LEU A 201 10.93 11.54 22.72
CA LEU A 201 9.49 11.41 22.95
C LEU A 201 8.82 10.84 21.72
N ARG A 202 8.23 9.65 21.87
CA ARG A 202 7.59 8.98 20.75
C ARG A 202 6.08 8.86 20.92
N CYS A 203 5.34 9.47 19.99
CA CYS A 203 3.89 9.45 20.01
C CYS A 203 3.34 8.30 19.16
N TRP A 204 2.57 7.42 19.81
CA TRP A 204 2.05 6.22 19.18
C TRP A 204 0.57 6.30 18.89
N ALA A 205 0.19 5.97 17.66
CA ALA A 205 -1.20 5.84 17.26
C ALA A 205 -1.39 4.46 16.63
N LEU A 206 -2.13 3.59 17.32
CA LEU A 206 -2.24 2.20 16.89
C LEU A 206 -3.69 1.78 16.62
N GLY A 207 -3.85 0.82 15.72
CA GLY A 207 -5.15 0.22 15.44
C GLY A 207 -6.24 1.21 15.07
N PHE A 208 -5.99 2.00 14.02
CA PHE A 208 -6.99 2.94 13.53
C PHE A 208 -7.35 2.68 12.07
N TYR A 209 -8.49 3.23 11.66
CA TYR A 209 -8.98 3.05 10.29
C TYR A 209 -9.97 4.16 9.94
N PRO A 210 -9.85 4.71 8.72
CA PRO A 210 -8.87 4.32 7.71
C PRO A 210 -7.47 4.83 8.01
N ALA A 211 -6.57 4.72 7.03
CA ALA A 211 -5.17 5.09 7.22
C ALA A 211 -4.96 6.58 7.39
N GLU A 212 -5.93 7.38 6.92
CA GLU A 212 -5.83 8.83 7.02
C GLU A 212 -5.66 9.28 8.47
N ILE A 213 -4.51 9.89 8.76
CA ILE A 213 -4.21 10.35 10.11
C ILE A 213 -3.11 11.42 10.08
N THR A 214 -3.03 12.22 11.12
CA THR A 214 -2.03 13.28 11.18
C THR A 214 -1.42 13.41 12.58
N LEU A 215 -0.12 13.14 12.69
CA LEU A 215 0.59 13.29 13.94
C LEU A 215 1.57 14.46 13.90
N THR A 216 1.58 15.28 14.95
CA THR A 216 2.49 16.40 15.03
C THR A 216 3.03 16.61 16.44
N TRP A 217 4.16 17.29 16.54
CA TRP A 217 4.75 17.63 17.84
C TRP A 217 4.80 19.14 18.03
N GLN A 218 4.59 19.57 19.27
CA GLN A 218 4.58 20.99 19.57
C GLN A 218 5.43 21.34 20.79
N ARG A 219 6.27 22.35 20.65
CA ARG A 219 7.08 22.86 21.74
C ARG A 219 6.45 24.13 22.29
N ASP A 220 5.74 23.99 23.42
CA ASP A 220 5.04 25.12 24.04
C ASP A 220 3.85 25.58 23.20
N GLY A 221 3.26 24.66 22.47
CA GLY A 221 2.08 24.95 21.67
C GLY A 221 2.39 25.36 20.24
N GLU A 222 3.68 25.45 19.92
CA GLU A 222 4.10 25.82 18.58
C GLU A 222 4.02 24.63 17.63
N GLU A 223 5.11 24.39 16.90
CA GLU A 223 5.21 23.22 16.03
C GLU A 223 6.66 22.86 15.76
N GLN A 224 7.04 21.65 16.15
CA GLN A 224 8.42 21.19 16.01
C GLN A 224 8.68 20.56 14.64
N THR A 225 9.73 21.02 13.98
CA THR A 225 10.20 20.44 12.74
C THR A 225 11.63 19.97 12.90
N GLN A 226 12.41 20.75 13.63
CA GLN A 226 13.80 20.40 13.91
C GLN A 226 13.85 19.22 14.88
N ASP A 227 14.70 18.26 14.58
CA ASP A 227 14.89 17.09 15.45
C ASP A 227 13.62 16.26 15.60
N THR A 228 12.91 16.07 14.49
CA THR A 228 11.69 15.27 14.52
C THR A 228 11.78 14.12 13.52
N GLU A 229 10.95 13.10 13.70
CA GLU A 229 10.94 11.93 12.83
C GLU A 229 9.56 11.31 12.74
N PHE A 230 9.05 11.17 11.52
CA PHE A 230 7.73 10.58 11.30
C PHE A 230 7.82 9.41 10.33
N VAL A 231 7.47 8.21 10.81
CA VAL A 231 7.54 7.02 9.99
C VAL A 231 6.29 6.85 9.13
N GLU A 232 6.48 6.28 7.94
CA GLU A 232 5.38 6.03 7.02
C GLU A 232 4.31 5.16 7.68
N THR A 233 3.06 5.57 7.56
CA THR A 233 1.94 4.82 8.14
C THR A 233 2.01 3.36 7.73
N ARG A 234 1.90 2.47 8.71
CA ARG A 234 2.08 1.04 8.48
C ARG A 234 0.84 0.24 8.89
N PRO A 235 0.65 -0.92 8.26
CA PRO A 235 -0.48 -1.80 8.59
C PRO A 235 -0.22 -2.62 9.84
N GLY A 236 -1.27 -2.89 10.61
CA GLY A 236 -1.15 -3.67 11.83
C GLY A 236 -1.20 -5.17 11.55
N GLY A 237 -1.70 -5.53 10.38
CA GLY A 237 -1.80 -6.92 9.99
C GLY A 237 -3.18 -7.50 10.26
N ASP A 238 -4.03 -6.69 10.89
CA ASP A 238 -5.39 -7.13 11.22
C ASP A 238 -6.44 -6.18 10.65
N GLY A 239 -6.08 -5.49 9.58
CA GLY A 239 -7.00 -4.57 8.93
C GLY A 239 -6.92 -3.17 9.50
N THR A 240 -6.04 -2.97 10.48
CA THR A 240 -5.86 -1.66 11.09
C THR A 240 -4.55 -1.03 10.65
N PHE A 241 -4.21 0.11 11.24
CA PHE A 241 -3.00 0.82 10.87
C PHE A 241 -2.28 1.43 12.08
N GLN A 242 -1.00 1.71 11.92
CA GLN A 242 -0.19 2.29 12.99
C GLN A 242 0.62 3.47 12.47
N LYS A 243 1.08 4.31 13.39
CA LYS A 243 1.92 5.45 13.04
C LYS A 243 2.41 6.16 14.29
N TRP A 244 3.72 6.38 14.36
CA TRP A 244 4.30 7.11 15.49
C TRP A 244 5.22 8.23 15.03
N GLY A 245 5.34 9.26 15.84
CA GLY A 245 6.22 10.37 15.54
C GLY A 245 7.04 10.75 16.75
N ALA A 246 8.36 10.82 16.59
CA ALA A 246 9.26 11.08 17.70
C ALA A 246 9.98 12.41 17.59
N VAL A 247 10.40 12.95 18.73
CA VAL A 247 11.18 14.18 18.76
C VAL A 247 12.28 14.09 19.83
N VAL A 248 13.43 14.67 19.51
CA VAL A 248 14.55 14.71 20.46
C VAL A 248 14.45 15.97 21.31
N VAL A 249 14.48 15.79 22.62
CA VAL A 249 14.27 16.89 23.56
C VAL A 249 15.36 16.94 24.63
N PRO A 250 15.83 18.15 24.96
CA PRO A 250 16.77 18.34 26.07
C PRO A 250 16.15 17.83 27.37
N SER A 251 16.88 16.99 28.08
CA SER A 251 16.39 16.40 29.32
C SER A 251 15.90 17.47 30.30
N GLY A 252 14.62 17.43 30.61
CA GLY A 252 14.01 18.39 31.53
C GLY A 252 13.01 19.31 30.85
N GLU A 253 12.77 19.06 29.57
CA GLU A 253 11.85 19.89 28.80
C GLU A 253 10.70 19.05 28.24
N GLU A 254 10.63 17.79 28.68
CA GLU A 254 9.62 16.85 28.20
C GLU A 254 8.19 17.37 28.38
N GLN A 255 7.95 18.09 29.46
CA GLN A 255 6.61 18.57 29.78
C GLN A 255 6.26 19.85 29.03
N ARG A 256 7.09 20.22 28.07
CA ARG A 256 6.84 21.39 27.23
C ARG A 256 6.46 20.96 25.82
N TYR A 257 6.29 19.65 25.62
CA TYR A 257 5.96 19.11 24.32
C TYR A 257 4.61 18.41 24.30
N THR A 258 3.85 18.62 23.24
CA THR A 258 2.53 18.00 23.10
C THR A 258 2.35 17.35 21.74
N CYS A 259 1.84 16.12 21.74
CA CYS A 259 1.56 15.40 20.52
C CYS A 259 0.12 15.62 20.09
N HIS A 260 -0.08 15.99 18.83
CA HIS A 260 -1.42 16.25 18.31
C HIS A 260 -1.78 15.26 17.21
N VAL A 261 -2.93 14.61 17.39
CA VAL A 261 -3.37 13.55 16.47
C VAL A 261 -4.74 13.85 15.88
N GLN A 262 -4.80 13.94 14.55
CA GLN A 262 -6.06 14.15 13.85
C GLN A 262 -6.45 12.88 13.10
N HIS A 263 -7.64 12.36 13.42
CA HIS A 263 -8.13 11.16 12.76
C HIS A 263 -9.65 11.18 12.64
N GLU A 264 -10.16 10.56 11.57
CA GLU A 264 -11.59 10.54 11.29
C GLU A 264 -12.41 9.98 12.45
N GLY A 265 -11.87 8.97 13.13
CA GLY A 265 -12.58 8.31 14.21
C GLY A 265 -12.56 9.08 15.51
N LEU A 266 -11.83 10.19 15.53
CA LEU A 266 -11.73 11.01 16.75
C LEU A 266 -12.75 12.14 16.76
N PRO A 267 -13.54 12.22 17.83
CA PRO A 267 -14.50 13.32 18.01
C PRO A 267 -13.80 14.67 17.92
N GLU A 268 -12.77 14.85 18.73
CA GLU A 268 -11.95 16.06 18.67
C GLU A 268 -10.48 15.67 18.56
N PRO A 269 -9.69 16.51 17.87
CA PRO A 269 -8.24 16.28 17.74
C PRO A 269 -7.58 16.05 19.09
N LEU A 270 -6.98 14.89 19.27
CA LEU A 270 -6.35 14.53 20.55
C LEU A 270 -5.07 15.30 20.81
N THR A 271 -4.82 15.58 22.09
CA THR A 271 -3.58 16.23 22.52
C THR A 271 -3.00 15.48 23.71
N LEU A 272 -1.89 14.78 23.48
CA LEU A 272 -1.28 13.96 24.51
C LEU A 272 0.03 14.54 25.02
N ARG A 273 0.32 14.31 26.30
CA ARG A 273 1.57 14.73 26.91
C ARG A 273 2.13 13.57 27.72
N TRP A 274 3.45 13.40 27.69
CA TRP A 274 4.08 12.29 28.39
C TRP A 274 3.63 12.19 29.85
N GLU A 275 3.05 11.04 30.20
CA GLU A 275 2.60 10.82 31.57
C GLU A 275 3.11 9.47 32.08
N PRO A 276 4.33 9.46 32.62
CA PRO A 276 4.95 8.24 33.15
C PRO A 276 4.29 7.77 34.43
N MET B 1 15.03 3.52 -16.14
CA MET B 1 14.55 2.49 -15.22
C MET B 1 15.01 2.78 -13.79
N ILE B 2 14.23 3.58 -13.08
CA ILE B 2 14.58 3.98 -11.72
C ILE B 2 14.56 2.79 -10.75
N GLN B 3 15.52 2.77 -9.83
CA GLN B 3 15.59 1.73 -8.81
C GLN B 3 15.72 2.36 -7.43
N ARG B 4 14.68 2.20 -6.62
CA ARG B 4 14.64 2.79 -5.29
C ARG B 4 14.92 1.77 -4.19
N THR B 5 15.69 2.18 -3.20
CA THR B 5 16.03 1.30 -2.08
C THR B 5 14.84 1.16 -1.13
N PRO B 6 14.55 -0.08 -0.72
CA PRO B 6 13.38 -0.38 0.12
C PRO B 6 13.48 0.17 1.54
N LYS B 7 12.42 0.82 1.99
CA LYS B 7 12.28 1.23 3.38
C LYS B 7 11.82 0.03 4.21
N ILE B 8 12.42 -0.14 5.38
CA ILE B 8 12.12 -1.30 6.21
C ILE B 8 11.66 -0.90 7.61
N GLN B 9 10.50 -1.39 8.01
CA GLN B 9 10.03 -1.21 9.38
C GLN B 9 9.77 -2.57 10.03
N VAL B 10 10.25 -2.75 11.25
CA VAL B 10 10.00 -3.97 11.99
C VAL B 10 9.36 -3.65 13.34
N TYR B 11 8.09 -4.05 13.49
CA TYR B 11 7.32 -3.67 14.67
C TYR B 11 6.41 -4.80 15.14
N SER B 12 5.50 -4.47 16.06
CA SER B 12 4.54 -5.43 16.56
C SER B 12 3.13 -4.86 16.48
N ARG B 13 2.16 -5.71 16.17
CA ARG B 13 0.77 -5.28 16.05
C ARG B 13 0.32 -4.56 17.32
N HIS B 14 0.73 -5.08 18.47
CA HIS B 14 0.38 -4.48 19.74
C HIS B 14 1.65 -4.19 20.54
N PRO B 15 1.58 -3.23 21.48
CA PRO B 15 2.72 -2.91 22.32
C PRO B 15 3.27 -4.16 23.01
N ALA B 16 4.55 -4.44 22.79
CA ALA B 16 5.17 -5.68 23.26
C ALA B 16 5.10 -5.84 24.77
N GLU B 17 4.85 -7.07 25.21
CA GLU B 17 4.85 -7.42 26.63
C GLU B 17 5.38 -8.85 26.79
N ASN B 18 6.55 -8.98 27.40
CA ASN B 18 7.20 -10.28 27.54
C ASN B 18 6.28 -11.38 28.05
N GLY B 19 6.23 -12.48 27.31
CA GLY B 19 5.40 -13.61 27.69
C GLY B 19 4.01 -13.56 27.11
N LYS B 20 3.66 -12.42 26.53
CA LYS B 20 2.33 -12.23 25.96
C LYS B 20 2.36 -12.40 24.44
N SER B 21 1.49 -13.27 23.93
CA SER B 21 1.43 -13.54 22.50
C SER B 21 1.20 -12.26 21.71
N ASN B 22 1.85 -12.17 20.54
CA ASN B 22 1.78 -10.97 19.73
C ASN B 22 2.05 -11.27 18.25
N PHE B 23 2.01 -10.22 17.43
CA PHE B 23 2.23 -10.37 15.99
C PHE B 23 3.39 -9.51 15.50
N LEU B 24 4.47 -10.16 15.08
CA LEU B 24 5.62 -9.47 14.51
C LEU B 24 5.35 -9.12 13.05
N ASN B 25 5.60 -7.84 12.71
CA ASN B 25 5.36 -7.32 11.38
C ASN B 25 6.61 -6.68 10.77
N CYS B 26 6.80 -6.92 9.48
CA CYS B 26 7.88 -6.29 8.72
C CYS B 26 7.31 -5.65 7.46
N TYR B 27 7.25 -4.32 7.45
CA TYR B 27 6.71 -3.57 6.33
C TYR B 27 7.83 -2.98 5.49
N VAL B 28 7.93 -3.47 4.26
CA VAL B 28 8.95 -2.99 3.32
C VAL B 28 8.27 -2.24 2.18
N SER B 29 8.65 -0.99 1.99
CA SER B 29 8.00 -0.14 0.99
C SER B 29 8.99 0.63 0.12
N GLY B 30 8.45 1.51 -0.72
CA GLY B 30 9.25 2.39 -1.55
C GLY B 30 10.39 1.74 -2.30
N PHE B 31 10.19 0.51 -2.76
CA PHE B 31 11.23 -0.20 -3.49
C PHE B 31 10.83 -0.46 -4.95
N HIS B 32 11.84 -0.58 -5.80
CA HIS B 32 11.61 -0.83 -7.22
C HIS B 32 12.90 -1.34 -7.86
N PRO B 33 12.80 -2.41 -8.67
CA PRO B 33 11.56 -3.11 -9.04
C PRO B 33 10.97 -3.93 -7.89
N SER B 34 9.86 -4.61 -8.16
CA SER B 34 9.13 -5.35 -7.13
C SER B 34 9.82 -6.66 -6.75
N ASP B 35 10.86 -7.02 -7.50
CA ASP B 35 11.62 -8.23 -7.20
C ASP B 35 12.37 -8.07 -5.89
N ILE B 36 11.98 -8.85 -4.89
CA ILE B 36 12.62 -8.79 -3.57
C ILE B 36 12.36 -10.06 -2.77
N GLU B 37 13.06 -10.19 -1.65
CA GLU B 37 12.90 -11.35 -0.79
C GLU B 37 13.03 -10.98 0.69
N VAL B 38 11.90 -10.96 1.39
CA VAL B 38 11.89 -10.60 2.81
C VAL B 38 11.82 -11.85 3.67
N ASP B 39 12.60 -11.85 4.75
CA ASP B 39 12.63 -12.99 5.67
C ASP B 39 12.71 -12.52 7.13
N LEU B 40 12.10 -13.29 8.03
CA LEU B 40 12.09 -12.95 9.44
C LEU B 40 12.99 -13.91 10.23
N LEU B 41 13.99 -13.35 10.90
CA LEU B 41 14.92 -14.15 11.69
C LEU B 41 14.63 -14.00 13.18
N LYS B 42 14.88 -15.06 13.94
CA LYS B 42 14.65 -15.05 15.38
C LYS B 42 15.85 -15.62 16.14
N ASN B 43 16.84 -14.76 16.37
CA ASN B 43 18.05 -15.17 17.08
C ASN B 43 19.20 -15.51 16.13
N GLY B 44 18.99 -15.24 14.85
CA GLY B 44 19.99 -15.52 13.84
C GLY B 44 19.51 -16.50 12.79
N GLU B 45 18.32 -17.05 13.01
CA GLU B 45 17.74 -18.02 12.08
C GLU B 45 16.51 -17.45 11.39
N ARG B 46 15.98 -18.21 10.43
CA ARG B 46 14.79 -17.78 9.70
C ARG B 46 13.51 -18.33 10.33
N ILE B 47 12.40 -17.66 10.09
CA ILE B 47 11.12 -18.08 10.64
C ILE B 47 10.40 -19.03 9.67
N GLU B 48 9.82 -20.09 10.23
CA GLU B 48 9.10 -21.07 9.42
C GLU B 48 7.82 -20.49 8.84
N LYS B 49 6.81 -20.30 9.70
CA LYS B 49 5.53 -19.76 9.26
C LYS B 49 5.59 -18.25 9.07
N VAL B 50 5.87 -17.82 7.85
CA VAL B 50 5.93 -16.39 7.52
C VAL B 50 5.05 -16.08 6.31
N GLU B 51 3.95 -15.38 6.56
CA GLU B 51 3.04 -14.99 5.49
C GLU B 51 3.25 -13.53 5.11
N HIS B 52 2.89 -13.19 3.87
CA HIS B 52 3.02 -11.82 3.39
C HIS B 52 1.81 -11.40 2.58
N SER B 53 1.58 -10.08 2.51
CA SER B 53 0.45 -9.55 1.76
C SER B 53 0.68 -9.66 0.26
N ASP B 54 -0.35 -9.36 -0.52
CA ASP B 54 -0.24 -9.41 -1.98
C ASP B 54 0.42 -8.13 -2.50
N LEU B 55 1.23 -8.29 -3.55
CA LEU B 55 1.99 -7.17 -4.11
C LEU B 55 1.09 -5.98 -4.44
N SER B 56 1.48 -4.81 -3.97
CA SER B 56 0.75 -3.57 -4.24
C SER B 56 1.71 -2.39 -4.21
N PHE B 57 1.25 -1.24 -4.69
CA PHE B 57 2.09 -0.04 -4.73
C PHE B 57 1.36 1.21 -4.25
N SER B 58 2.10 2.30 -4.13
CA SER B 58 1.55 3.55 -3.61
C SER B 58 1.35 4.59 -4.72
N LYS B 59 1.10 5.83 -4.30
CA LYS B 59 0.84 6.92 -5.24
C LYS B 59 1.99 7.11 -6.23
N ASP B 60 3.21 7.18 -5.71
CA ASP B 60 4.38 7.39 -6.55
C ASP B 60 4.92 6.08 -7.11
N TRP B 61 4.03 5.11 -7.28
CA TRP B 61 4.37 3.82 -7.90
C TRP B 61 5.33 2.98 -7.07
N SER B 62 5.56 3.40 -5.83
CA SER B 62 6.45 2.67 -4.94
C SER B 62 5.76 1.43 -4.37
N PHE B 63 6.37 0.27 -4.58
CA PHE B 63 5.80 -0.98 -4.08
C PHE B 63 5.89 -1.08 -2.56
N TYR B 64 4.88 -1.71 -1.96
CA TYR B 64 4.91 -1.97 -0.53
C TYR B 64 4.43 -3.39 -0.23
N LEU B 65 5.05 -4.02 0.77
CA LEU B 65 4.70 -5.38 1.17
C LEU B 65 4.77 -5.54 2.67
N LEU B 66 3.87 -6.36 3.22
CA LEU B 66 3.86 -6.63 4.64
C LEU B 66 4.05 -8.11 4.94
N TYR B 67 5.22 -8.47 5.46
CA TYR B 67 5.45 -9.82 5.95
C TYR B 67 5.06 -9.85 7.42
N TYR B 68 4.62 -11.00 7.91
CA TYR B 68 4.11 -11.08 9.28
C TYR B 68 4.12 -12.51 9.83
N THR B 69 4.24 -12.62 11.14
CA THR B 69 4.19 -13.92 11.80
C THR B 69 3.89 -13.77 13.28
N GLU B 70 3.36 -14.82 13.90
CA GLU B 70 3.06 -14.80 15.32
C GLU B 70 4.33 -14.99 16.15
N PHE B 71 4.42 -14.29 17.28
CA PHE B 71 5.61 -14.40 18.12
C PHE B 71 5.32 -13.91 19.55
N THR B 72 6.02 -14.50 20.51
CA THR B 72 5.90 -14.09 21.91
C THR B 72 7.20 -13.44 22.38
N PRO B 73 7.19 -12.11 22.52
CA PRO B 73 8.37 -11.34 22.93
C PRO B 73 8.92 -11.79 24.27
N THR B 74 10.25 -11.87 24.37
CA THR B 74 10.90 -12.21 25.63
C THR B 74 12.04 -11.23 25.90
N GLU B 75 12.70 -11.38 27.03
CA GLU B 75 13.78 -10.49 27.41
C GLU B 75 15.10 -10.91 26.76
N LYS B 76 15.17 -12.17 26.32
CA LYS B 76 16.39 -12.72 25.78
C LYS B 76 16.40 -12.78 24.25
N ASP B 77 15.33 -13.33 23.68
CA ASP B 77 15.26 -13.57 22.24
C ASP B 77 15.42 -12.30 21.41
N GLU B 78 16.05 -12.46 20.25
CA GLU B 78 16.21 -11.36 19.30
C GLU B 78 15.44 -11.64 18.02
N TYR B 79 14.66 -10.67 17.57
CA TYR B 79 13.93 -10.79 16.32
C TYR B 79 14.41 -9.74 15.33
N ALA B 80 14.43 -10.08 14.05
CA ALA B 80 14.92 -9.16 13.02
C ALA B 80 14.24 -9.39 11.67
N CYS B 81 14.49 -8.49 10.74
CA CYS B 81 13.95 -8.60 9.38
C CYS B 81 15.07 -8.45 8.36
N ARG B 82 15.19 -9.42 7.46
CA ARG B 82 16.24 -9.41 6.45
C ARG B 82 15.66 -9.13 5.07
N VAL B 83 16.28 -8.19 4.36
CA VAL B 83 15.78 -7.77 3.05
C VAL B 83 16.82 -7.89 1.95
N ASN B 84 16.51 -8.70 0.94
CA ASN B 84 17.35 -8.84 -0.24
C ASN B 84 16.71 -8.17 -1.46
N HIS B 85 17.36 -7.13 -1.95
CA HIS B 85 16.90 -6.38 -3.11
C HIS B 85 18.08 -5.97 -3.97
N VAL B 86 17.84 -5.73 -5.26
CA VAL B 86 18.91 -5.41 -6.20
C VAL B 86 19.68 -4.15 -5.78
N THR B 87 18.99 -3.22 -5.13
CA THR B 87 19.62 -1.96 -4.71
C THR B 87 20.45 -2.15 -3.44
N LEU B 88 20.59 -3.40 -3.01
CA LEU B 88 21.34 -3.70 -1.80
C LEU B 88 22.53 -4.61 -2.11
N SER B 89 23.73 -4.12 -1.84
CA SER B 89 24.95 -4.89 -2.06
C SER B 89 24.91 -6.18 -1.23
N GLN B 90 24.42 -6.06 0.00
CA GLN B 90 24.27 -7.21 0.88
C GLN B 90 22.92 -7.16 1.57
N PRO B 91 22.41 -8.33 2.00
CA PRO B 91 21.12 -8.40 2.69
C PRO B 91 21.10 -7.47 3.91
N LYS B 92 20.18 -6.53 3.92
CA LYS B 92 20.06 -5.59 5.04
C LYS B 92 19.22 -6.20 6.17
N ILE B 93 19.72 -6.10 7.39
CA ILE B 93 19.04 -6.66 8.54
C ILE B 93 18.66 -5.59 9.55
N VAL B 94 17.36 -5.47 9.82
CA VAL B 94 16.86 -4.53 10.79
C VAL B 94 16.35 -5.25 12.03
N LYS B 95 17.02 -5.01 13.16
CA LYS B 95 16.64 -5.65 14.42
C LYS B 95 15.36 -5.03 14.97
N TRP B 96 14.48 -5.87 15.50
CA TRP B 96 13.23 -5.40 16.08
C TRP B 96 13.45 -4.72 17.43
N ASP B 97 12.79 -3.58 17.62
CA ASP B 97 12.88 -2.84 18.87
C ASP B 97 11.47 -2.53 19.37
N ARG B 98 11.18 -2.96 20.60
CA ARG B 98 9.85 -2.77 21.18
C ARG B 98 9.52 -1.29 21.36
N ASP B 99 10.53 -0.44 21.17
CA ASP B 99 10.35 1.00 21.31
C ASP B 99 10.08 1.67 19.96
N MET B 100 10.10 0.88 18.90
CA MET B 100 9.87 1.40 17.56
C MET B 100 8.89 0.53 16.78
N HIS C 1 -13.66 -5.00 -11.96
CA HIS C 1 -12.66 -5.07 -13.02
C HIS C 1 -13.12 -4.39 -14.30
N LEU C 2 -12.31 -3.45 -14.78
CA LEU C 2 -12.56 -2.78 -16.05
C LEU C 2 -12.61 -3.80 -17.18
N GLU C 3 -13.61 -3.67 -18.05
CA GLU C 3 -13.78 -4.62 -19.16
C GLU C 3 -13.19 -4.06 -20.45
N VAL C 4 -13.10 -2.74 -20.54
CA VAL C 4 -12.51 -2.09 -21.71
C VAL C 4 -10.99 -2.16 -21.64
N GLN C 5 -10.36 -2.53 -22.76
CA GLN C 5 -8.91 -2.71 -22.79
C GLN C 5 -8.19 -1.53 -23.44
N GLY C 6 -7.34 -0.86 -22.67
CA GLY C 6 -6.57 0.26 -23.17
C GLY C 6 -5.18 -0.15 -23.60
N TYR C 7 -4.98 -0.27 -24.91
CA TYR C 7 -3.69 -0.69 -25.45
C TYR C 7 -2.77 0.50 -25.69
N TRP C 8 -1.54 0.40 -25.20
CA TRP C 8 -0.55 1.45 -25.40
C TRP C 8 -0.25 1.62 -26.89
#